data_9FOS
#
_entry.id   9FOS
#
_cell.length_a   117.87
_cell.length_b   117.87
_cell.length_c   82.175
_cell.angle_alpha   90
_cell.angle_beta   90
_cell.angle_gamma   120
#
_symmetry.space_group_name_H-M   'P 31 2 1'
#
loop_
_entity.id
_entity.type
_entity.pdbx_description
1 polymer 'ornithine decarboxylase'
2 non-polymer "PYRIDOXAL-5'-PHOSPHATE"
3 non-polymer ALPHA-DIFLUOROMETHYLORNITHINE
#
_entity_poly.entity_id   1
_entity_poly.type   'polypeptide(L)'
_entity_poly.pdbx_seq_one_letter_code
;MGSSHHHHHHSSGLVPRGSHMGDHDVALCHVSRYNHANYWAFVPLPTVSDDTGCDSLHHDSASERIRMAPPASASKAGAA
EERLHPYERRLLDQYQIHLQPANRNPLSRADSAAGREETAQTPAQVQMVSGVAVADSTSDQHASVASSQDLVDLFFLEGS
QAVDGLCFSPYPIYGWRTAEERRAAVCEVFKTYNVVTRLPASPAALAAAQRRYSRHRHSAIAPINKSAIETREQYWRRLS
NLYTQKGVKDAASAADAAATTATNGAVPAAPAYEPEDPFYIIDLGRVVEQMARWRHELPMVRPYFAVKSNPQPAVLEVLS
ALGAGFDCASKEEIHMVLGRQLVASPDDIIFANPCKQLGDLREAQACGVTYVTVDNPLEMEKISRLMPSAHAIIRIKTND
SKAQCSFSTKFGAPLEDVEGLLEAARQFNVTVCGVSFHVGSGNDDQSAYVSAVRDAYQVFQQAVQYGFKCTILDIGGGFP
GTEVVEGSGNTSFEAIARTIRPVLAELFGGGDVTIISEPGRYFTAASHALLMNVFASRTLRLSDVEVSRQAFQSVVSMDE
PEEYQYYVNDGLYHSFNCILFDHAHPTLLLLNDGDGADGVESGTEAAAVCSEEEGETSLSGPLANDALFMSAWDRRRSFA
RRPLRITTIFGPTCDSMDCILKKQPFPEMKLGDWLLVPDMGSYTTAAAGFFNGFATRRLEWVSSVDLCARPRPVYTREGN
TLRCVSE
;
_entity_poly.pdbx_strand_id   A
#
# COMPACT_ATOMS: atom_id res chain seq x y z
N SER A 144 18.75 -1.45 12.02
CA SER A 144 17.31 -1.75 11.85
C SER A 144 16.63 -1.37 13.14
N VAL A 145 15.55 -0.62 13.05
CA VAL A 145 14.89 -0.16 14.26
C VAL A 145 13.50 -0.79 14.40
N ALA A 146 13.14 -1.19 15.64
CA ALA A 146 11.82 -1.73 15.91
C ALA A 146 10.68 -0.68 15.79
N SER A 147 11.01 0.62 15.82
CA SER A 147 10.04 1.71 15.73
C SER A 147 10.76 3.07 15.69
N SER A 148 9.99 4.11 15.49
CA SER A 148 10.54 5.43 15.56
C SER A 148 9.48 6.24 16.31
N GLN A 149 9.54 6.09 17.63
CA GLN A 149 8.57 6.73 18.50
C GLN A 149 8.46 8.21 18.14
N ASP A 150 9.64 8.89 18.14
CA ASP A 150 9.90 10.30 17.83
C ASP A 150 8.87 10.88 16.83
N LEU A 151 8.85 10.28 15.63
CA LEU A 151 8.03 10.77 14.54
C LEU A 151 6.55 10.82 14.92
N VAL A 152 6.11 9.74 15.58
CA VAL A 152 4.71 9.51 15.91
C VAL A 152 4.26 10.65 16.81
N ASP A 153 5.13 10.93 17.80
CA ASP A 153 4.85 11.93 18.81
C ASP A 153 4.53 13.24 18.08
N LEU A 154 5.54 13.66 17.26
CA LEU A 154 5.52 14.93 16.53
C LEU A 154 4.26 14.99 15.68
N PHE A 155 3.92 13.85 15.03
CA PHE A 155 2.87 13.77 14.03
C PHE A 155 1.58 14.22 14.70
N PHE A 156 1.44 13.72 15.96
CA PHE A 156 0.18 13.79 16.69
C PHE A 156 0.02 15.15 17.31
N LEU A 157 1.18 15.71 17.72
CA LEU A 157 1.26 17.03 18.34
C LEU A 157 0.83 18.15 17.39
N GLU A 158 1.32 18.08 16.15
CA GLU A 158 1.14 19.14 15.17
C GLU A 158 -0.37 19.45 15.03
N GLY A 159 -0.72 20.73 14.99
CA GLY A 159 -2.12 21.14 14.82
C GLY A 159 -2.95 21.07 16.10
N SER A 160 -2.32 20.70 17.26
CA SER A 160 -2.98 20.49 18.56
C SER A 160 -2.88 21.73 19.46
N GLN A 161 -3.76 21.75 20.48
CA GLN A 161 -3.77 22.82 21.45
C GLN A 161 -2.42 22.91 22.16
N ALA A 162 -1.84 21.76 22.55
CA ALA A 162 -0.52 21.75 23.20
C ALA A 162 0.61 22.43 22.41
N VAL A 163 0.35 22.87 21.14
CA VAL A 163 1.21 23.76 20.36
C VAL A 163 0.37 24.80 19.62
N ASP A 164 -0.72 25.26 20.24
CA ASP A 164 -1.50 26.42 19.81
C ASP A 164 -2.04 26.28 18.40
N GLY A 165 -2.44 25.05 18.02
CA GLY A 165 -2.90 24.77 16.65
C GLY A 165 -1.87 25.06 15.55
N LEU A 166 -0.59 25.05 15.91
CA LEU A 166 0.49 25.41 15.02
C LEU A 166 1.02 24.19 14.27
N CYS A 167 1.03 24.29 12.94
CA CYS A 167 1.59 23.25 12.07
C CYS A 167 3.10 23.43 11.96
N PHE A 168 3.86 22.37 11.67
CA PHE A 168 5.33 22.48 11.53
C PHE A 168 5.78 22.59 10.04
N SER A 169 4.91 23.20 9.20
CA SER A 169 5.14 23.51 7.79
C SER A 169 3.95 24.30 7.29
N PRO A 170 4.05 24.94 6.11
CA PRO A 170 2.97 25.85 5.60
C PRO A 170 1.57 25.30 5.38
N TYR A 171 1.46 24.00 5.71
CA TYR A 171 0.45 23.11 5.18
C TYR A 171 -0.42 22.57 6.31
N PRO A 172 -1.78 22.71 6.18
CA PRO A 172 -2.77 22.11 7.09
C PRO A 172 -2.50 20.64 7.33
N ILE A 173 -2.80 20.13 8.53
CA ILE A 173 -2.68 18.69 8.76
C ILE A 173 -3.68 18.01 7.84
N TYR A 174 -3.40 16.74 7.47
CA TYR A 174 -4.23 16.03 6.51
C TYR A 174 -5.57 15.73 7.18
N GLY A 175 -6.70 16.02 6.46
CA GLY A 175 -8.00 15.50 6.86
C GLY A 175 -8.91 16.60 7.36
N TRP A 176 -10.17 16.29 7.68
CA TRP A 176 -11.11 17.30 8.15
C TRP A 176 -11.13 17.31 9.68
N ARG A 177 -10.45 16.37 10.34
CA ARG A 177 -10.46 16.32 11.80
C ARG A 177 -9.42 17.22 12.45
N THR A 178 -9.74 17.73 13.65
CA THR A 178 -8.79 18.47 14.45
C THR A 178 -7.79 17.49 15.03
N ALA A 179 -6.62 17.97 15.46
CA ALA A 179 -5.58 17.09 16.00
C ALA A 179 -6.08 16.28 17.19
N GLU A 180 -7.06 16.83 17.95
CA GLU A 180 -7.56 16.18 19.16
C GLU A 180 -8.50 15.10 18.65
N GLU A 181 -9.38 15.49 17.71
CA GLU A 181 -10.38 14.62 17.13
C GLU A 181 -9.74 13.38 16.49
N ARG A 182 -8.60 13.62 15.80
CA ARG A 182 -7.79 12.63 15.11
C ARG A 182 -7.14 11.62 16.07
N ARG A 183 -6.55 12.07 17.19
CA ARG A 183 -5.97 11.14 18.15
C ARG A 183 -7.06 10.27 18.82
N ALA A 184 -8.28 10.82 18.95
CA ALA A 184 -9.40 10.11 19.55
C ALA A 184 -9.90 8.98 18.66
N ALA A 185 -10.25 9.37 17.45
CA ALA A 185 -10.72 8.46 16.41
C ALA A 185 -9.79 7.24 16.29
N VAL A 186 -8.47 7.43 16.44
CA VAL A 186 -7.47 6.38 16.31
C VAL A 186 -7.52 5.44 17.52
N CYS A 187 -7.62 6.00 18.75
CA CYS A 187 -7.72 5.18 19.95
C CYS A 187 -8.99 4.33 19.96
N GLU A 188 -10.10 4.88 19.42
CA GLU A 188 -11.36 4.16 19.22
C GLU A 188 -11.14 2.88 18.39
N VAL A 189 -10.46 3.04 17.26
CA VAL A 189 -10.20 1.93 16.36
C VAL A 189 -9.35 0.91 17.15
N PHE A 190 -8.25 1.33 17.78
CA PHE A 190 -7.41 0.41 18.56
C PHE A 190 -8.17 -0.44 19.60
N LYS A 191 -9.22 0.17 20.17
CA LYS A 191 -10.05 -0.47 21.18
C LYS A 191 -10.94 -1.48 20.44
N THR A 192 -11.53 -1.06 19.30
CA THR A 192 -12.43 -1.90 18.51
C THR A 192 -11.77 -3.27 18.24
N TYR A 193 -10.46 -3.28 18.01
CA TYR A 193 -9.78 -4.45 17.46
C TYR A 193 -8.89 -4.99 18.57
N ASN A 194 -9.17 -4.57 19.82
CA ASN A 194 -8.47 -5.09 21.00
C ASN A 194 -6.95 -5.12 20.76
N VAL A 195 -6.40 -3.94 20.41
CA VAL A 195 -4.99 -3.85 20.07
C VAL A 195 -4.16 -3.79 21.33
N VAL A 196 -3.29 -4.79 21.48
CA VAL A 196 -2.38 -4.87 22.61
C VAL A 196 -1.04 -4.18 22.28
N THR A 197 -0.77 -3.03 22.94
CA THR A 197 0.48 -2.30 22.75
C THR A 197 1.66 -3.15 23.25
N ARG A 198 2.84 -3.02 22.65
CA ARG A 198 3.93 -3.93 22.87
C ARG A 198 5.13 -3.21 22.29
N LEU A 199 5.90 -2.56 23.15
CA LEU A 199 7.00 -1.70 22.69
C LEU A 199 8.35 -2.38 22.82
N PRO A 200 9.37 -1.93 22.10
CA PRO A 200 10.67 -2.62 22.23
C PRO A 200 11.16 -2.58 23.70
N THR A 231 16.20 -4.47 17.18
CA THR A 231 16.09 -4.51 15.70
C THR A 231 14.63 -4.86 15.49
N ARG A 232 14.19 -4.75 14.22
CA ARG A 232 12.83 -5.13 13.83
C ARG A 232 12.68 -6.64 13.95
N GLU A 233 13.69 -7.38 13.44
CA GLU A 233 13.72 -8.84 13.43
C GLU A 233 13.53 -9.38 14.86
N GLN A 234 14.29 -8.81 15.80
CA GLN A 234 14.27 -9.30 17.15
C GLN A 234 12.94 -8.93 17.81
N TYR A 235 12.34 -7.82 17.38
CA TYR A 235 11.05 -7.44 17.92
C TYR A 235 10.01 -8.50 17.51
N TRP A 236 10.13 -8.96 16.25
CA TRP A 236 9.22 -9.93 15.70
C TRP A 236 9.44 -11.31 16.33
N ARG A 237 10.71 -11.76 16.42
CA ARG A 237 11.06 -13.06 17.04
C ARG A 237 10.56 -13.21 18.48
N ARG A 238 10.74 -12.15 19.27
CA ARG A 238 10.21 -12.08 20.61
C ARG A 238 8.66 -12.21 20.56
N LEU A 239 7.96 -11.37 19.76
CA LEU A 239 6.48 -11.34 19.76
C LEU A 239 5.87 -12.66 19.31
N SER A 240 6.62 -13.35 18.44
CA SER A 240 6.23 -14.63 17.88
C SER A 240 6.31 -15.72 18.98
N ASN A 241 7.42 -15.79 19.71
CA ASN A 241 7.52 -16.74 20.82
C ASN A 241 6.33 -16.58 21.78
N LEU A 242 5.94 -15.33 22.00
CA LEU A 242 4.83 -15.05 22.89
C LEU A 242 3.48 -15.48 22.30
N TYR A 243 3.28 -15.26 20.99
CA TYR A 243 1.98 -15.51 20.40
C TYR A 243 1.78 -16.96 19.93
N THR A 244 2.81 -17.81 20.04
CA THR A 244 2.63 -19.22 19.70
C THR A 244 1.72 -19.90 20.77
N GLN A 245 1.70 -19.46 22.06
CA GLN A 245 0.78 -20.03 23.07
C GLN A 245 0.30 -18.93 24.05
N ALA A 272 -11.99 -19.45 18.22
CA ALA A 272 -11.75 -20.83 17.71
C ALA A 272 -10.82 -20.84 16.50
N TYR A 273 -9.76 -21.64 16.69
CA TYR A 273 -8.60 -21.82 15.83
C TYR A 273 -7.71 -22.87 16.51
N GLU A 274 -6.89 -23.56 15.75
CA GLU A 274 -6.04 -24.61 16.29
C GLU A 274 -4.72 -24.00 16.78
N PRO A 275 -4.05 -24.64 17.76
CA PRO A 275 -2.71 -24.22 18.19
C PRO A 275 -1.60 -24.29 17.14
N GLU A 276 -1.74 -25.07 16.09
CA GLU A 276 -0.62 -25.08 15.14
C GLU A 276 -1.05 -24.24 13.93
N ASP A 277 -2.30 -23.70 13.91
CA ASP A 277 -2.83 -22.99 12.73
C ASP A 277 -1.85 -21.89 12.31
N PRO A 278 -1.88 -21.42 11.04
CA PRO A 278 -1.08 -20.26 10.65
C PRO A 278 -1.91 -19.02 11.02
N PHE A 279 -1.12 -17.93 11.24
CA PHE A 279 -1.67 -16.66 11.71
C PHE A 279 -0.74 -15.51 11.35
N TYR A 280 -1.35 -14.31 11.41
CA TYR A 280 -0.68 -13.05 11.19
C TYR A 280 -0.65 -12.23 12.46
N ILE A 281 0.53 -11.66 12.76
CA ILE A 281 0.65 -10.64 13.79
C ILE A 281 0.61 -9.33 13.03
N ILE A 282 -0.42 -8.52 13.25
CA ILE A 282 -0.55 -7.26 12.56
C ILE A 282 -0.21 -6.11 13.51
N ASP A 283 0.96 -5.47 13.28
CA ASP A 283 1.39 -4.26 13.99
C ASP A 283 0.70 -2.96 13.49
N LEU A 284 -0.58 -2.69 13.78
CA LEU A 284 -1.20 -1.43 13.38
C LEU A 284 -0.45 -0.14 13.82
N GLY A 285 0.60 -0.32 14.64
CA GLY A 285 1.43 0.80 15.06
C GLY A 285 2.36 1.21 13.95
N ARG A 286 2.87 0.20 13.25
CA ARG A 286 3.72 0.46 12.11
C ARG A 286 2.94 1.18 11.00
N VAL A 287 1.62 0.99 10.89
CA VAL A 287 0.83 1.74 9.91
C VAL A 287 0.86 3.23 10.27
N VAL A 288 0.46 3.55 11.52
CA VAL A 288 0.49 4.91 12.05
C VAL A 288 1.87 5.55 11.82
N GLU A 289 2.94 4.84 12.24
CA GLU A 289 4.32 5.27 12.05
C GLU A 289 4.63 5.65 10.60
N GLN A 290 4.14 4.86 9.64
CA GLN A 290 4.39 5.14 8.23
C GLN A 290 3.66 6.44 7.86
N MET A 291 2.48 6.70 8.46
CA MET A 291 1.71 7.91 8.19
C MET A 291 2.43 9.12 8.75
N ALA A 292 3.02 8.94 9.93
CA ALA A 292 3.83 9.98 10.52
C ALA A 292 5.02 10.21 9.61
N ARG A 293 5.74 9.15 9.28
CA ARG A 293 6.94 9.30 8.45
C ARG A 293 6.60 10.05 7.17
N TRP A 294 5.43 9.80 6.59
CA TRP A 294 5.04 10.48 5.37
C TRP A 294 4.77 11.98 5.63
N ARG A 295 3.99 12.38 6.67
CA ARG A 295 3.75 13.80 6.95
C ARG A 295 5.08 14.56 7.13
N HIS A 296 6.02 13.94 7.88
CA HIS A 296 7.30 14.54 8.25
C HIS A 296 8.12 14.89 7.03
N GLU A 297 7.98 14.06 5.99
CA GLU A 297 8.82 14.13 4.81
C GLU A 297 8.14 14.79 3.62
N LEU A 298 6.81 14.92 3.61
CA LEU A 298 6.10 15.41 2.42
C LEU A 298 4.76 15.96 2.88
N PRO A 299 4.78 17.03 3.71
CA PRO A 299 3.49 17.61 4.17
C PRO A 299 2.61 18.23 3.06
N MET A 300 3.30 18.59 1.95
CA MET A 300 2.62 19.15 0.78
C MET A 300 1.68 18.14 0.15
N VAL A 301 2.04 16.85 0.32
CA VAL A 301 1.43 15.72 -0.37
C VAL A 301 0.48 15.01 0.61
N ARG A 302 -0.82 14.99 0.31
CA ARG A 302 -1.81 14.25 1.09
C ARG A 302 -1.96 12.81 0.55
N PRO A 303 -1.65 11.75 1.34
CA PRO A 303 -1.75 10.39 0.86
C PRO A 303 -3.18 9.87 0.77
N TYR A 304 -3.53 9.34 -0.40
CA TYR A 304 -4.75 8.60 -0.59
C TYR A 304 -4.38 7.11 -0.69
N PHE A 305 -4.69 6.34 0.34
CA PHE A 305 -4.33 4.94 0.44
C PHE A 305 -5.00 4.10 -0.61
N ALA A 306 -4.18 3.23 -1.25
CA ALA A 306 -4.61 2.33 -2.31
C ALA A 306 -5.14 1.08 -1.64
N VAL A 307 -6.48 0.94 -1.70
CA VAL A 307 -7.16 -0.11 -0.98
C VAL A 307 -6.61 -1.48 -1.43
N LYS A 308 -6.49 -1.64 -2.77
CA LYS A 308 -5.99 -2.84 -3.42
C LYS A 308 -4.92 -3.54 -2.59
N SER A 309 -3.96 -2.81 -1.99
CA SER A 309 -2.75 -3.40 -1.41
C SER A 309 -3.00 -4.24 -0.16
N ASN A 310 -4.09 -3.92 0.52
CA ASN A 310 -4.49 -4.68 1.67
C ASN A 310 -5.77 -4.06 2.21
N PRO A 311 -6.95 -4.57 1.84
CA PRO A 311 -8.20 -3.95 2.27
C PRO A 311 -8.69 -4.39 3.65
N GLN A 312 -7.77 -4.85 4.54
CA GLN A 312 -8.18 -5.24 5.89
C GLN A 312 -9.02 -4.13 6.53
N PRO A 313 -10.24 -4.38 7.07
CA PRO A 313 -11.02 -3.26 7.64
C PRO A 313 -10.31 -2.45 8.72
N ALA A 314 -9.49 -3.05 9.59
CA ALA A 314 -8.77 -2.27 10.61
C ALA A 314 -7.79 -1.28 9.97
N VAL A 315 -7.09 -1.71 8.89
CA VAL A 315 -6.16 -0.85 8.17
C VAL A 315 -6.87 0.31 7.45
N LEU A 316 -7.98 0.04 6.77
CA LEU A 316 -8.80 1.13 6.23
C LEU A 316 -9.24 2.12 7.30
N GLU A 317 -9.66 1.63 8.50
CA GLU A 317 -10.18 2.44 9.62
C GLU A 317 -9.10 3.33 10.25
N VAL A 318 -7.91 2.78 10.48
CA VAL A 318 -6.79 3.56 11.03
C VAL A 318 -6.45 4.71 10.06
N LEU A 319 -6.33 4.37 8.78
CA LEU A 319 -5.91 5.36 7.80
C LEU A 319 -6.97 6.44 7.60
N SER A 320 -8.24 6.10 7.70
CA SER A 320 -9.31 7.08 7.65
C SER A 320 -9.12 8.14 8.75
N ALA A 321 -8.93 7.62 9.99
CA ALA A 321 -8.81 8.40 11.21
C ALA A 321 -7.56 9.28 11.19
N LEU A 322 -6.47 8.86 10.48
CA LEU A 322 -5.25 9.67 10.33
C LEU A 322 -5.30 10.78 9.24
N GLY A 323 -6.43 10.91 8.48
CA GLY A 323 -6.65 11.97 7.51
C GLY A 323 -6.24 11.60 6.07
N ALA A 324 -5.99 10.32 5.81
CA ALA A 324 -5.73 9.87 4.46
C ALA A 324 -7.02 9.79 3.65
N GLY A 325 -6.84 9.94 2.34
CA GLY A 325 -7.92 9.77 1.38
C GLY A 325 -7.90 8.34 0.88
N PHE A 326 -8.75 8.03 -0.09
CA PHE A 326 -8.84 6.65 -0.53
C PHE A 326 -8.77 6.54 -2.06
N ASP A 327 -7.88 5.64 -2.48
CA ASP A 327 -7.70 5.20 -3.86
C ASP A 327 -8.40 3.85 -4.12
N CYS A 328 -9.54 3.93 -4.81
CA CYS A 328 -10.35 2.77 -5.11
C CYS A 328 -10.14 2.39 -6.57
N ALA A 329 -10.15 1.09 -6.90
CA ALA A 329 -10.05 0.68 -8.30
C ALA A 329 -11.31 0.00 -8.85
N SER A 330 -12.31 -0.25 -7.99
CA SER A 330 -13.52 -0.95 -8.41
C SER A 330 -14.74 -0.46 -7.66
N LYS A 331 -15.95 -0.79 -8.14
CA LYS A 331 -17.18 -0.39 -7.46
C LYS A 331 -17.23 -1.02 -6.08
N GLU A 332 -16.63 -2.21 -5.97
CA GLU A 332 -16.56 -2.91 -4.71
C GLU A 332 -15.68 -2.15 -3.72
N GLU A 333 -14.56 -1.56 -4.17
CA GLU A 333 -13.66 -0.84 -3.27
C GLU A 333 -14.31 0.46 -2.81
N ILE A 334 -14.96 1.19 -3.75
CA ILE A 334 -15.79 2.37 -3.47
C ILE A 334 -16.84 2.03 -2.40
N HIS A 335 -17.63 0.95 -2.58
CA HIS A 335 -18.66 0.57 -1.61
C HIS A 335 -18.12 0.16 -0.24
N MET A 336 -16.87 -0.29 -0.15
CA MET A 336 -16.30 -0.75 1.10
C MET A 336 -15.85 0.43 1.96
N VAL A 337 -15.56 1.57 1.30
CA VAL A 337 -15.15 2.81 1.95
C VAL A 337 -16.37 3.64 2.38
N LEU A 338 -17.33 3.89 1.47
CA LEU A 338 -18.62 4.51 1.78
C LEU A 338 -19.52 3.70 2.74
N GLY A 339 -19.65 2.38 2.60
CA GLY A 339 -20.44 1.54 3.50
C GLY A 339 -19.82 1.41 4.91
N ARG A 340 -18.55 1.73 5.11
CA ARG A 340 -18.04 1.78 6.48
C ARG A 340 -17.89 3.21 7.00
N GLN A 341 -18.34 4.18 6.15
CA GLN A 341 -18.19 5.64 6.18
C GLN A 341 -16.83 5.98 6.78
N LEU A 342 -15.83 5.88 5.90
CA LEU A 342 -14.46 6.20 6.23
C LEU A 342 -14.07 7.58 5.66
N VAL A 343 -15.04 8.29 5.07
CA VAL A 343 -14.78 9.63 4.59
C VAL A 343 -15.93 10.54 5.07
N ALA A 344 -15.63 11.84 5.16
CA ALA A 344 -16.70 12.83 5.25
C ALA A 344 -17.40 13.01 3.89
N SER A 345 -16.69 12.80 2.75
CA SER A 345 -17.13 13.21 1.41
C SER A 345 -16.67 12.27 0.30
N PRO A 346 -17.45 12.05 -0.80
CA PRO A 346 -16.93 11.44 -2.06
C PRO A 346 -15.87 12.20 -2.90
N ASP A 347 -15.44 13.34 -2.36
CA ASP A 347 -14.32 14.08 -2.89
C ASP A 347 -13.00 13.45 -2.37
N ASP A 348 -13.11 12.68 -1.26
CA ASP A 348 -11.96 12.02 -0.65
C ASP A 348 -11.67 10.63 -1.25
N ILE A 349 -12.33 10.30 -2.36
CA ILE A 349 -12.06 9.08 -3.09
C ILE A 349 -11.62 9.45 -4.48
N ILE A 350 -10.47 8.90 -4.86
CA ILE A 350 -10.04 8.87 -6.25
C ILE A 350 -10.33 7.49 -6.76
N PHE A 351 -10.91 7.44 -7.95
CA PHE A 351 -11.11 6.19 -8.67
C PHE A 351 -9.95 5.98 -9.64
N ALA A 352 -8.84 5.36 -9.20
CA ALA A 352 -7.57 5.39 -9.94
C ALA A 352 -7.34 4.26 -10.95
N ASN A 353 -8.45 3.87 -11.55
CA ASN A 353 -8.46 2.80 -12.50
C ASN A 353 -8.69 3.51 -13.82
N PRO A 354 -7.61 3.72 -14.60
CA PRO A 354 -7.78 4.28 -15.94
C PRO A 354 -8.75 3.61 -16.90
N CYS A 355 -9.12 2.32 -16.59
CA CYS A 355 -9.97 1.45 -17.39
C CYS A 355 -10.98 0.71 -16.49
N LYS A 356 -12.24 1.20 -16.57
CA LYS A 356 -13.32 0.79 -15.70
C LYS A 356 -14.57 0.37 -16.47
N GLN A 357 -15.27 -0.62 -15.94
CA GLN A 357 -16.48 -1.13 -16.58
C GLN A 357 -17.59 -0.08 -16.47
N LEU A 358 -18.57 -0.12 -17.38
CA LEU A 358 -19.65 0.87 -17.37
C LEU A 358 -20.46 0.80 -16.06
N GLY A 359 -20.66 -0.40 -15.50
CA GLY A 359 -21.41 -0.56 -14.25
C GLY A 359 -20.71 0.03 -13.03
N ASP A 360 -19.39 0.17 -13.15
CA ASP A 360 -18.59 0.81 -12.14
C ASP A 360 -18.72 2.34 -12.26
N LEU A 361 -18.58 2.88 -13.48
CA LEU A 361 -18.80 4.31 -13.76
C LEU A 361 -20.19 4.73 -13.26
N ARG A 362 -21.24 3.93 -13.55
CA ARG A 362 -22.59 4.25 -13.10
C ARG A 362 -22.71 4.30 -11.58
N GLU A 363 -22.03 3.40 -10.86
CA GLU A 363 -22.22 3.31 -9.42
C GLU A 363 -21.38 4.37 -8.67
N ALA A 364 -20.29 4.82 -9.29
CA ALA A 364 -19.51 5.92 -8.75
C ALA A 364 -20.25 7.26 -8.94
N GLN A 365 -20.89 7.44 -10.11
CA GLN A 365 -21.74 8.59 -10.37
C GLN A 365 -22.82 8.68 -9.28
N ALA A 366 -23.68 7.65 -9.17
CA ALA A 366 -24.71 7.56 -8.13
C ALA A 366 -24.22 7.65 -6.66
N CYS A 367 -22.94 7.39 -6.40
CA CYS A 367 -22.44 7.49 -5.03
C CYS A 367 -21.93 8.90 -4.74
N GLY A 368 -21.85 9.74 -5.79
CA GLY A 368 -21.39 11.11 -5.69
C GLY A 368 -19.88 11.22 -5.90
N VAL A 369 -19.24 10.18 -6.45
CA VAL A 369 -17.80 10.18 -6.61
C VAL A 369 -17.51 11.02 -7.85
N THR A 370 -16.36 11.68 -7.80
CA THR A 370 -16.06 12.70 -8.78
C THR A 370 -14.72 12.46 -9.43
N TYR A 371 -13.68 12.30 -8.62
CA TYR A 371 -12.32 12.33 -9.15
C TYR A 371 -11.94 10.99 -9.75
N VAL A 372 -11.88 10.95 -11.09
CA VAL A 372 -11.70 9.69 -11.79
C VAL A 372 -10.55 9.79 -12.78
N THR A 373 -9.78 8.70 -12.96
CA THR A 373 -8.62 8.65 -13.85
C THR A 373 -9.07 8.39 -15.30
N VAL A 374 -8.20 8.79 -16.25
CA VAL A 374 -8.33 8.41 -17.66
C VAL A 374 -6.97 8.40 -18.36
N ASP A 375 -6.82 7.60 -19.43
CA ASP A 375 -5.58 7.61 -20.21
C ASP A 375 -5.84 7.25 -21.68
N ASN A 376 -7.12 7.11 -22.10
CA ASN A 376 -7.40 6.77 -23.49
C ASN A 376 -8.66 7.48 -23.98
N PRO A 377 -8.64 7.87 -25.29
CA PRO A 377 -9.81 8.50 -25.93
C PRO A 377 -11.15 7.82 -25.65
N LEU A 378 -11.20 6.50 -25.85
CA LEU A 378 -12.45 5.75 -25.74
C LEU A 378 -13.03 5.84 -24.34
N GLU A 379 -12.13 5.98 -23.36
CA GLU A 379 -12.47 6.15 -21.95
C GLU A 379 -13.09 7.53 -21.71
N MET A 380 -12.62 8.57 -22.40
CA MET A 380 -13.15 9.91 -22.19
C MET A 380 -14.64 9.90 -22.44
N GLU A 381 -14.99 9.32 -23.61
CA GLU A 381 -16.35 9.27 -24.11
C GLU A 381 -17.24 8.64 -23.03
N LYS A 382 -16.73 7.56 -22.42
CA LYS A 382 -17.46 6.81 -21.41
C LYS A 382 -17.71 7.63 -20.14
N ILE A 383 -16.67 8.34 -19.70
CA ILE A 383 -16.78 9.17 -18.51
C ILE A 383 -17.82 10.27 -18.75
N SER A 384 -17.72 10.91 -19.95
CA SER A 384 -18.60 12.00 -20.33
C SER A 384 -20.04 11.57 -20.18
N ARG A 385 -20.28 10.33 -20.62
CA ARG A 385 -21.60 9.74 -20.59
C ARG A 385 -21.99 9.40 -19.17
N LEU A 386 -21.30 8.51 -18.43
CA LEU A 386 -21.89 7.93 -17.21
C LEU A 386 -21.63 8.81 -15.99
N MET A 387 -20.52 9.58 -16.07
CA MET A 387 -20.10 10.51 -15.03
C MET A 387 -20.05 11.93 -15.62
N PRO A 388 -21.17 12.67 -15.68
CA PRO A 388 -21.11 14.06 -16.13
C PRO A 388 -20.58 15.00 -15.05
N SER A 389 -20.64 14.56 -13.77
CA SER A 389 -20.14 15.26 -12.59
C SER A 389 -18.66 14.94 -12.36
N ALA A 390 -17.92 14.62 -13.41
CA ALA A 390 -16.60 14.06 -13.25
C ALA A 390 -15.52 15.12 -13.29
N HIS A 391 -14.59 14.99 -12.37
CA HIS A 391 -13.37 15.77 -12.43
C HIS A 391 -12.30 14.79 -12.93
N ALA A 392 -12.09 14.74 -14.24
CA ALA A 392 -11.06 13.90 -14.85
C ALA A 392 -9.57 14.22 -14.50
N ILE A 393 -8.75 13.20 -14.20
CA ILE A 393 -7.30 13.34 -14.09
C ILE A 393 -6.59 12.46 -15.14
N ILE A 394 -5.71 13.05 -15.91
CA ILE A 394 -5.01 12.33 -16.97
C ILE A 394 -3.81 11.54 -16.42
N ARG A 395 -3.75 10.22 -16.64
CA ARG A 395 -2.58 9.45 -16.27
C ARG A 395 -1.64 9.38 -17.49
N ILE A 396 -0.36 9.63 -17.25
CA ILE A 396 0.69 9.62 -18.27
C ILE A 396 1.68 8.47 -18.04
N LYS A 397 2.38 8.10 -19.11
CA LYS A 397 3.34 7.02 -19.05
C LYS A 397 4.62 7.49 -18.32
N THR A 398 5.46 6.53 -17.86
CA THR A 398 6.72 6.80 -17.14
C THR A 398 7.87 5.86 -17.56
N ASN A 399 9.11 6.13 -17.13
CA ASN A 399 10.24 5.25 -17.40
C ASN A 399 10.43 4.37 -16.17
N ASP A 400 9.54 3.39 -16.08
CA ASP A 400 9.35 2.56 -14.90
C ASP A 400 10.21 1.29 -14.94
N SER A 401 11.13 1.19 -15.92
CA SER A 401 11.98 0.03 -16.13
C SER A 401 12.79 -0.39 -14.90
N LYS A 402 12.95 0.51 -13.91
CA LYS A 402 13.70 0.23 -12.68
C LYS A 402 12.84 -0.37 -11.54
N ALA A 403 11.51 -0.40 -11.69
CA ALA A 403 10.59 -0.80 -10.62
C ALA A 403 10.72 -2.30 -10.28
N GLN A 404 9.89 -2.82 -9.35
CA GLN A 404 9.63 -4.24 -9.10
C GLN A 404 8.48 -4.72 -10.02
N CYS A 405 7.45 -3.86 -10.16
CA CYS A 405 6.26 -4.12 -10.98
C CYS A 405 5.96 -2.93 -11.90
N SER A 406 6.31 -3.03 -13.23
CA SER A 406 6.18 -1.97 -14.26
C SER A 406 4.86 -1.92 -15.03
N PHE A 407 4.01 -0.87 -14.84
CA PHE A 407 2.62 -0.86 -15.31
C PHE A 407 2.40 0.09 -16.50
N SER A 408 3.44 0.68 -17.13
CA SER A 408 3.26 1.57 -18.28
C SER A 408 2.82 0.81 -19.55
N THR A 409 3.09 -0.51 -19.55
CA THR A 409 2.65 -1.48 -20.54
C THR A 409 1.14 -1.35 -20.77
N LYS A 410 0.35 -1.37 -19.68
CA LYS A 410 -1.12 -1.42 -19.69
C LYS A 410 -1.82 -0.06 -19.57
N PHE A 411 -1.20 0.84 -18.73
CA PHE A 411 -1.72 2.15 -18.31
C PHE A 411 -0.72 3.32 -18.48
N GLY A 412 -1.34 4.49 -18.77
CA GLY A 412 -0.61 5.74 -18.89
C GLY A 412 -0.48 6.18 -20.35
N ALA A 413 -1.26 7.22 -20.72
CA ALA A 413 -1.17 7.88 -22.02
C ALA A 413 0.27 8.31 -22.31
N PRO A 414 0.84 8.03 -23.50
CA PRO A 414 2.22 8.43 -23.77
C PRO A 414 2.16 9.92 -24.12
N LEU A 415 3.34 10.57 -24.03
CA LEU A 415 3.42 12.03 -24.07
C LEU A 415 2.66 12.55 -25.30
N GLU A 416 3.00 11.96 -26.48
CA GLU A 416 2.43 12.29 -27.80
C GLU A 416 0.90 12.38 -27.73
N ASP A 417 0.27 11.34 -27.18
CA ASP A 417 -1.16 11.15 -27.32
C ASP A 417 -1.96 12.11 -26.44
N VAL A 418 -1.25 12.75 -25.50
CA VAL A 418 -1.85 13.63 -24.52
C VAL A 418 -2.74 14.65 -25.24
N GLU A 419 -2.25 15.12 -26.42
CA GLU A 419 -2.86 16.22 -27.15
C GLU A 419 -4.25 15.87 -27.68
N GLY A 420 -4.35 14.70 -28.32
CA GLY A 420 -5.64 14.20 -28.77
C GLY A 420 -6.60 13.91 -27.61
N LEU A 421 -6.02 13.44 -26.49
CA LEU A 421 -6.79 13.11 -25.30
C LEU A 421 -7.43 14.40 -24.74
N LEU A 422 -6.61 15.48 -24.63
CA LEU A 422 -7.06 16.77 -24.15
C LEU A 422 -8.21 17.22 -25.05
N GLU A 423 -7.95 17.09 -26.35
CA GLU A 423 -8.85 17.55 -27.39
C GLU A 423 -10.23 16.90 -27.27
N ALA A 424 -10.21 15.59 -26.96
CA ALA A 424 -11.41 14.81 -26.77
C ALA A 424 -12.12 15.22 -25.49
N ALA A 425 -11.37 15.67 -24.47
CA ALA A 425 -11.98 16.02 -23.19
C ALA A 425 -12.83 17.27 -23.36
N ARG A 426 -12.24 18.26 -24.06
CA ARG A 426 -12.92 19.51 -24.38
C ARG A 426 -14.18 19.15 -25.17
N GLN A 427 -14.04 18.15 -26.06
CA GLN A 427 -15.07 17.77 -27.01
C GLN A 427 -16.27 17.07 -26.36
N PHE A 428 -16.06 16.15 -25.43
CA PHE A 428 -17.18 15.46 -24.81
C PHE A 428 -17.61 16.18 -23.53
N ASN A 429 -17.17 17.44 -23.36
CA ASN A 429 -17.62 18.26 -22.24
C ASN A 429 -17.13 17.68 -20.90
N VAL A 430 -15.84 17.31 -20.86
CA VAL A 430 -15.26 16.62 -19.71
C VAL A 430 -14.29 17.56 -19.04
N THR A 431 -14.38 17.68 -17.70
CA THR A 431 -13.62 18.68 -16.96
C THR A 431 -12.28 18.13 -16.49
N VAL A 432 -11.16 18.45 -17.19
CA VAL A 432 -9.82 17.89 -16.88
C VAL A 432 -9.09 18.67 -15.78
N CYS A 433 -9.26 18.22 -14.54
CA CYS A 433 -8.85 18.98 -13.39
C CYS A 433 -7.47 18.54 -12.87
N GLY A 434 -6.65 17.78 -13.63
CA GLY A 434 -5.36 17.35 -13.09
C GLY A 434 -4.56 16.38 -13.97
N VAL A 435 -3.46 15.83 -13.39
CA VAL A 435 -2.51 14.89 -14.02
C VAL A 435 -1.97 13.88 -12.97
N SER A 436 -1.97 12.57 -13.28
CA SER A 436 -1.37 11.57 -12.40
C SER A 436 -0.26 10.74 -13.07
N PHE A 437 0.38 9.93 -12.25
CA PHE A 437 1.37 9.03 -12.81
C PHE A 437 1.70 7.97 -11.78
N HIS A 438 2.37 6.91 -12.21
CA HIS A 438 2.84 5.91 -11.26
C HIS A 438 4.21 5.45 -11.72
N VAL A 439 5.26 5.54 -10.92
CA VAL A 439 6.53 5.07 -11.47
C VAL A 439 6.78 3.56 -11.30
N GLY A 440 5.70 2.80 -11.16
CA GLY A 440 5.77 1.35 -10.97
C GLY A 440 6.08 0.95 -9.52
N SER A 441 5.33 -0.06 -9.03
CA SER A 441 5.34 -0.49 -7.63
C SER A 441 6.74 -1.00 -7.21
N GLY A 442 7.21 -0.62 -6.01
CA GLY A 442 8.53 -1.00 -5.53
C GLY A 442 9.64 -0.45 -6.43
N ASN A 443 9.59 0.85 -6.78
CA ASN A 443 10.62 1.50 -7.59
C ASN A 443 11.55 2.36 -6.70
N ASP A 444 12.85 2.00 -6.74
CA ASP A 444 13.91 2.65 -5.99
C ASP A 444 14.61 3.74 -6.83
N ASP A 445 14.22 3.91 -8.09
CA ASP A 445 14.86 4.88 -8.99
C ASP A 445 14.37 6.31 -8.77
N GLN A 446 15.24 7.16 -8.21
CA GLN A 446 14.85 8.52 -7.85
C GLN A 446 14.69 9.43 -9.05
N SER A 447 15.53 9.14 -10.05
CA SER A 447 15.45 9.90 -11.29
C SER A 447 14.04 9.81 -11.88
N ALA A 448 13.38 8.67 -11.65
CA ALA A 448 12.08 8.41 -12.24
C ALA A 448 11.07 9.40 -11.68
N TYR A 449 11.14 9.76 -10.39
CA TYR A 449 10.08 10.58 -9.80
C TYR A 449 10.25 12.03 -10.26
N VAL A 450 11.53 12.39 -10.42
CA VAL A 450 11.91 13.69 -10.93
C VAL A 450 11.41 13.85 -12.35
N SER A 451 11.77 12.82 -13.15
CA SER A 451 11.37 12.77 -14.53
C SER A 451 9.83 12.91 -14.71
N ALA A 452 9.05 12.28 -13.83
CA ALA A 452 7.62 12.20 -14.05
C ALA A 452 6.97 13.56 -13.78
N VAL A 453 7.51 14.23 -12.76
CA VAL A 453 6.95 15.49 -12.36
C VAL A 453 7.15 16.49 -13.50
N ARG A 454 8.35 16.41 -14.09
CA ARG A 454 8.69 17.28 -15.21
C ARG A 454 7.60 17.08 -16.29
N ASP A 455 7.39 15.79 -16.68
CA ASP A 455 6.48 15.44 -17.78
C ASP A 455 5.09 15.95 -17.46
N ALA A 456 4.74 15.86 -16.16
CA ALA A 456 3.44 16.28 -15.70
C ALA A 456 3.30 17.80 -15.82
N TYR A 457 4.44 18.51 -15.65
CA TYR A 457 4.41 19.96 -15.74
C TYR A 457 4.02 20.25 -17.18
N GLN A 458 4.79 19.72 -18.14
CA GLN A 458 4.55 20.08 -19.54
C GLN A 458 3.12 19.83 -20.01
N VAL A 459 2.48 18.83 -19.37
CA VAL A 459 1.07 18.55 -19.59
C VAL A 459 0.26 19.75 -19.06
N PHE A 460 0.49 20.13 -17.79
CA PHE A 460 -0.27 21.20 -17.19
C PHE A 460 -0.35 22.36 -18.20
N GLN A 461 0.80 22.63 -18.85
CA GLN A 461 0.95 23.68 -19.84
C GLN A 461 0.00 23.41 -21.00
N GLN A 462 0.15 22.23 -21.63
CA GLN A 462 -0.69 21.81 -22.75
C GLN A 462 -2.19 21.95 -22.41
N ALA A 463 -2.57 21.76 -21.13
CA ALA A 463 -3.98 21.65 -20.71
C ALA A 463 -4.72 22.97 -20.82
N VAL A 464 -3.93 24.04 -20.63
CA VAL A 464 -4.51 25.36 -20.54
C VAL A 464 -5.13 25.69 -21.91
N GLN A 465 -4.38 25.40 -22.98
CA GLN A 465 -4.76 25.71 -24.35
C GLN A 465 -6.12 25.16 -24.77
N TYR A 466 -6.70 24.25 -23.97
CA TYR A 466 -7.98 23.62 -24.31
C TYR A 466 -9.09 24.11 -23.36
N GLY A 467 -8.71 24.95 -22.38
CA GLY A 467 -9.68 25.54 -21.48
C GLY A 467 -9.71 24.91 -20.08
N PHE A 468 -8.53 24.37 -19.65
CA PHE A 468 -8.40 23.58 -18.43
C PHE A 468 -7.34 24.14 -17.49
N LYS A 469 -7.82 24.58 -16.30
CA LYS A 469 -6.94 25.00 -15.21
C LYS A 469 -6.73 23.82 -14.24
N CYS A 470 -5.56 23.15 -14.31
CA CYS A 470 -5.32 21.94 -13.52
C CYS A 470 -5.06 22.25 -12.02
N THR A 471 -5.92 21.80 -11.08
CA THR A 471 -5.82 22.01 -9.61
C THR A 471 -4.83 21.06 -8.91
N ILE A 472 -4.62 19.84 -9.48
CA ILE A 472 -4.28 18.60 -8.78
C ILE A 472 -3.12 17.83 -9.44
N LEU A 473 -2.22 17.29 -8.62
CA LEU A 473 -1.07 16.55 -9.10
C LEU A 473 -0.98 15.33 -8.21
N ASP A 474 -1.26 14.16 -8.78
CA ASP A 474 -1.19 12.88 -8.09
C ASP A 474 0.11 12.15 -8.48
N ILE A 475 1.01 11.91 -7.50
CA ILE A 475 2.33 11.32 -7.76
C ILE A 475 2.39 9.78 -7.56
N GLY A 476 1.16 9.25 -7.43
CA GLY A 476 0.84 7.84 -7.32
C GLY A 476 1.68 7.17 -6.25
N GLY A 477 2.25 6.04 -6.56
CA GLY A 477 2.80 5.16 -5.56
C GLY A 477 4.23 4.86 -5.95
N GLY A 478 4.68 3.71 -5.36
CA GLY A 478 5.93 3.09 -5.71
C GLY A 478 6.96 3.18 -4.60
N PHE A 479 6.52 3.80 -3.52
CA PHE A 479 7.43 4.07 -2.41
C PHE A 479 7.50 2.84 -1.54
N PRO A 480 8.71 2.46 -1.07
CA PRO A 480 8.93 1.17 -0.42
C PRO A 480 8.39 1.29 1.01
N GLY A 481 8.08 0.17 1.64
CA GLY A 481 7.45 0.19 2.95
C GLY A 481 8.32 -0.41 4.07
N THR A 482 9.53 -0.83 3.69
CA THR A 482 10.37 -1.64 4.54
C THR A 482 11.74 -0.96 4.57
N GLU A 483 12.46 -1.13 5.69
CA GLU A 483 13.76 -0.51 5.86
C GLU A 483 14.79 -1.47 5.27
N ASN A 490 17.88 -1.30 -1.13
CA ASN A 490 18.45 -0.19 -0.33
C ASN A 490 17.39 0.92 -0.40
N THR A 491 17.32 1.65 -1.53
CA THR A 491 16.89 3.05 -1.58
C THR A 491 15.79 3.30 -0.58
N SER A 492 16.00 4.35 0.22
CA SER A 492 15.06 4.69 1.28
C SER A 492 13.92 5.53 0.70
N PHE A 493 12.82 5.60 1.48
CA PHE A 493 11.74 6.57 1.21
C PHE A 493 12.24 8.02 1.33
N GLU A 494 13.13 8.29 2.30
CA GLU A 494 13.71 9.61 2.53
C GLU A 494 14.45 10.07 1.26
N ALA A 495 15.34 9.21 0.73
CA ALA A 495 16.18 9.58 -0.40
C ALA A 495 15.31 10.03 -1.59
N ILE A 496 14.15 9.40 -1.68
CA ILE A 496 13.21 9.68 -2.74
C ILE A 496 12.56 11.06 -2.51
N ALA A 497 12.17 11.34 -1.28
CA ALA A 497 11.51 12.60 -0.94
C ALA A 497 12.48 13.77 -1.19
N ARG A 498 13.79 13.53 -0.89
CA ARG A 498 14.86 14.50 -1.08
C ARG A 498 14.85 15.02 -2.52
N THR A 499 14.72 14.07 -3.47
CA THR A 499 14.77 14.42 -4.88
C THR A 499 13.39 14.89 -5.39
N ILE A 500 12.30 14.67 -4.65
CA ILE A 500 11.00 15.06 -5.15
C ILE A 500 10.70 16.48 -4.70
N ARG A 501 11.06 16.81 -3.45
CA ARG A 501 10.56 18.05 -2.82
C ARG A 501 11.02 19.28 -3.62
N PRO A 502 12.33 19.29 -4.00
CA PRO A 502 12.86 20.36 -4.85
C PRO A 502 11.98 20.60 -6.06
N VAL A 503 11.72 19.50 -6.80
CA VAL A 503 11.03 19.61 -8.08
C VAL A 503 9.57 20.06 -7.93
N LEU A 504 8.96 19.73 -6.79
CA LEU A 504 7.58 20.10 -6.55
C LEU A 504 7.57 21.59 -6.26
N ALA A 505 8.65 22.00 -5.57
CA ALA A 505 8.89 23.37 -5.21
C ALA A 505 8.99 24.25 -6.44
N GLU A 506 9.89 23.79 -7.33
CA GLU A 506 10.18 24.48 -8.59
C GLU A 506 8.90 24.68 -9.45
N LEU A 507 8.19 23.60 -9.82
CA LEU A 507 7.18 23.69 -10.87
C LEU A 507 5.74 23.72 -10.31
N PHE A 508 5.57 23.20 -9.09
CA PHE A 508 4.24 23.13 -8.49
C PHE A 508 4.25 23.83 -7.14
N GLY A 509 5.33 24.64 -6.96
CA GLY A 509 5.51 25.59 -5.88
C GLY A 509 4.85 26.90 -6.27
N GLY A 510 4.10 26.84 -7.41
CA GLY A 510 2.82 27.50 -7.62
C GLY A 510 2.20 27.79 -6.25
N GLY A 511 1.42 26.87 -5.71
CA GLY A 511 0.56 27.18 -4.56
C GLY A 511 -0.92 27.11 -4.96
N ASP A 512 -1.14 27.16 -6.28
CA ASP A 512 -2.47 27.13 -6.89
C ASP A 512 -2.96 25.69 -7.03
N VAL A 513 -2.05 24.72 -6.80
CA VAL A 513 -2.27 23.30 -7.07
C VAL A 513 -2.05 22.47 -5.80
N THR A 514 -3.03 21.64 -5.44
CA THR A 514 -2.93 20.72 -4.31
C THR A 514 -2.18 19.45 -4.77
N ILE A 515 -1.34 18.82 -3.95
CA ILE A 515 -0.53 17.66 -4.38
C ILE A 515 -0.92 16.41 -3.57
N ILE A 516 -1.21 15.28 -4.25
CA ILE A 516 -1.67 14.05 -3.60
C ILE A 516 -0.86 12.82 -4.07
N SER A 517 -0.96 11.72 -3.30
CA SER A 517 -0.30 10.46 -3.64
C SER A 517 -1.26 9.29 -3.43
N GLU A 518 -0.84 8.11 -3.93
CA GLU A 518 -1.61 6.88 -3.81
C GLU A 518 -0.74 5.72 -3.35
N PRO A 519 -0.09 5.77 -2.17
CA PRO A 519 0.80 4.67 -1.77
C PRO A 519 -0.12 3.57 -1.25
N GLY A 520 0.32 2.34 -1.48
CA GLY A 520 -0.37 1.15 -0.98
C GLY A 520 0.63 0.35 -0.16
N ARG A 521 1.69 -0.10 -0.79
CA ARG A 521 2.70 -0.92 -0.18
C ARG A 521 3.33 -0.15 0.97
N TYR A 522 3.53 1.18 0.82
CA TYR A 522 4.26 1.95 1.84
C TYR A 522 3.77 1.62 3.28
N PHE A 523 2.44 1.87 3.37
CA PHE A 523 1.65 1.78 4.61
C PHE A 523 1.65 0.37 5.24
N THR A 524 1.26 -0.58 4.42
CA THR A 524 0.97 -1.92 4.90
C THR A 524 2.18 -2.86 4.91
N ALA A 525 3.24 -2.67 4.11
CA ALA A 525 4.15 -3.79 3.91
C ALA A 525 4.78 -4.22 5.21
N ALA A 526 5.22 -3.25 6.04
CA ALA A 526 6.01 -3.61 7.20
C ALA A 526 5.13 -4.07 8.37
N SER A 527 3.81 -3.76 8.26
CA SER A 527 2.83 -4.05 9.32
C SER A 527 2.66 -5.54 9.67
N HIS A 528 2.73 -6.45 8.70
CA HIS A 528 2.31 -7.82 8.91
C HIS A 528 3.50 -8.78 8.98
N ALA A 529 3.39 -9.73 9.93
CA ALA A 529 4.25 -10.91 10.04
C ALA A 529 3.42 -12.22 9.98
N LEU A 530 3.78 -13.14 9.09
CA LEU A 530 3.06 -14.39 8.97
C LEU A 530 3.82 -15.48 9.74
N LEU A 531 3.06 -16.25 10.53
CA LEU A 531 3.60 -17.40 11.21
C LEU A 531 3.00 -18.69 10.61
N MET A 532 3.91 -19.61 10.23
CA MET A 532 3.53 -20.90 9.66
C MET A 532 4.22 -22.07 10.38
N ASN A 533 3.44 -23.13 10.67
CA ASN A 533 3.89 -24.32 11.40
C ASN A 533 4.42 -25.32 10.39
N VAL A 534 5.58 -25.94 10.71
CA VAL A 534 6.13 -27.03 9.92
C VAL A 534 5.47 -28.30 10.46
N PHE A 535 4.53 -28.89 9.69
CA PHE A 535 3.67 -29.96 10.19
C PHE A 535 4.04 -31.29 9.54
N ALA A 536 4.86 -31.30 8.49
CA ALA A 536 5.28 -32.57 7.91
C ALA A 536 6.62 -32.47 7.22
N SER A 537 7.23 -33.65 7.03
CA SER A 537 8.56 -33.68 6.48
C SER A 537 8.93 -35.07 6.00
N ARG A 538 9.92 -35.10 5.13
CA ARG A 538 10.41 -36.34 4.58
C ARG A 538 11.68 -36.06 3.79
N THR A 539 12.46 -37.10 3.63
CA THR A 539 13.77 -36.95 3.05
C THR A 539 13.87 -37.79 1.79
N LEU A 540 14.63 -37.29 0.84
CA LEU A 540 14.80 -37.97 -0.45
C LEU A 540 16.28 -38.13 -0.70
N ARG A 541 16.61 -38.53 -1.93
CA ARG A 541 17.99 -38.79 -2.33
C ARG A 541 18.30 -37.92 -3.55
N LEU A 542 19.37 -37.12 -3.52
CA LEU A 542 19.77 -36.37 -4.71
C LEU A 542 20.34 -37.35 -5.71
N SER A 543 20.25 -37.00 -6.98
CA SER A 543 20.39 -37.96 -8.05
C SER A 543 21.86 -38.24 -8.38
N GLU A 560 25.28 -40.51 -0.20
CA GLU A 560 24.04 -40.25 0.60
C GLU A 560 23.62 -38.78 0.62
N PRO A 561 23.66 -38.01 -0.51
CA PRO A 561 23.13 -36.63 -0.53
C PRO A 561 21.61 -36.55 -0.35
N GLU A 562 21.09 -35.80 0.62
CA GLU A 562 19.68 -35.92 1.02
C GLU A 562 18.95 -34.60 0.89
N GLU A 563 17.84 -34.59 0.15
CA GLU A 563 16.95 -33.45 0.12
C GLU A 563 15.98 -33.52 1.29
N TYR A 564 15.88 -32.41 2.03
CA TYR A 564 14.96 -32.34 3.15
C TYR A 564 13.74 -31.55 2.70
N GLN A 565 12.60 -32.23 2.55
CA GLN A 565 11.36 -31.58 2.18
C GLN A 565 10.46 -31.37 3.39
N TYR A 566 9.92 -30.16 3.49
CA TYR A 566 9.04 -29.82 4.61
C TYR A 566 7.72 -29.32 4.03
N TYR A 567 6.68 -29.32 4.88
CA TYR A 567 5.36 -28.92 4.44
C TYR A 567 4.78 -28.00 5.47
N VAL A 568 4.47 -26.75 5.04
CA VAL A 568 4.01 -25.67 5.92
C VAL A 568 2.59 -25.25 5.57
N ASN A 569 1.91 -24.64 6.56
CA ASN A 569 0.48 -24.41 6.42
C ASN A 569 0.17 -23.02 5.80
N ASP A 570 1.00 -22.55 4.88
CA ASP A 570 0.58 -21.47 4.01
C ASP A 570 1.50 -21.55 2.82
N GLY A 571 1.17 -20.82 1.75
CA GLY A 571 1.86 -21.11 0.52
C GLY A 571 1.24 -20.42 -0.67
N LEU A 572 1.80 -20.76 -1.83
CA LEU A 572 1.57 -20.06 -3.09
C LEU A 572 0.10 -19.70 -3.31
N TYR A 573 -0.81 -20.60 -2.84
CA TYR A 573 -2.16 -20.45 -3.35
C TYR A 573 -2.83 -19.31 -2.57
N HIS A 574 -2.19 -18.99 -1.43
CA HIS A 574 -2.73 -18.04 -0.46
C HIS A 574 -1.73 -16.89 -0.27
N SER A 575 -1.21 -16.71 0.94
CA SER A 575 -0.33 -15.60 1.23
C SER A 575 0.85 -15.49 0.26
N PHE A 576 1.41 -16.59 -0.24
CA PHE A 576 2.61 -16.43 -1.04
C PHE A 576 2.33 -16.23 -2.53
N ASN A 577 1.08 -15.88 -2.94
CA ASN A 577 0.79 -15.57 -4.36
C ASN A 577 1.64 -14.37 -4.86
N CYS A 578 2.02 -13.48 -3.95
CA CYS A 578 2.95 -12.40 -4.19
C CYS A 578 4.21 -12.89 -4.91
N ILE A 579 4.65 -14.13 -4.68
CA ILE A 579 5.87 -14.64 -5.31
C ILE A 579 5.68 -14.55 -6.84
N LEU A 580 4.41 -14.60 -7.30
CA LEU A 580 4.08 -14.66 -8.72
C LEU A 580 3.47 -13.35 -9.24
N PHE A 581 2.54 -12.73 -8.52
CA PHE A 581 1.94 -11.50 -9.01
C PHE A 581 2.77 -10.27 -8.67
N ASP A 582 3.54 -10.32 -7.57
CA ASP A 582 4.36 -9.20 -7.11
C ASP A 582 5.87 -9.41 -7.33
N HIS A 583 6.32 -10.54 -7.87
CA HIS A 583 7.74 -10.88 -7.98
C HIS A 583 8.44 -10.75 -6.63
N ALA A 584 7.73 -11.02 -5.53
CA ALA A 584 8.24 -10.87 -4.17
C ALA A 584 9.30 -11.91 -3.96
N HIS A 585 10.26 -11.68 -3.03
CA HIS A 585 11.14 -12.77 -2.61
C HIS A 585 11.18 -12.82 -1.08
N PRO A 586 10.07 -13.04 -0.37
CA PRO A 586 10.01 -12.97 1.10
C PRO A 586 11.06 -13.70 1.92
N THR A 587 11.20 -13.29 3.17
CA THR A 587 12.30 -13.82 3.96
C THR A 587 11.76 -14.93 4.86
N LEU A 588 12.50 -16.04 4.91
CA LEU A 588 12.03 -17.13 5.74
C LEU A 588 12.84 -17.28 7.01
N LEU A 589 12.22 -17.06 8.18
CA LEU A 589 13.01 -17.00 9.41
C LEU A 589 12.73 -18.18 10.28
N LEU A 590 13.76 -19.03 10.55
CA LEU A 590 13.57 -20.17 11.45
C LEU A 590 13.52 -19.64 12.88
N LEU A 591 12.38 -19.82 13.57
CA LEU A 591 12.06 -19.15 14.84
C LEU A 591 13.14 -19.36 15.91
N ASN A 592 13.67 -20.58 16.15
CA ASN A 592 14.64 -20.80 17.22
C ASN A 592 15.92 -21.43 16.67
N ASP A 593 16.64 -20.71 15.78
CA ASP A 593 17.93 -21.15 15.29
C ASP A 593 19.00 -20.84 16.35
N ARG A 642 21.77 -26.50 14.44
CA ARG A 642 21.19 -27.40 13.39
C ARG A 642 21.80 -27.16 12.01
N PRO A 643 22.30 -28.21 11.33
CA PRO A 643 23.20 -28.06 10.16
C PRO A 643 22.50 -27.62 8.87
N LEU A 644 23.26 -27.20 7.85
CA LEU A 644 22.70 -26.69 6.59
C LEU A 644 22.43 -27.87 5.64
N ARG A 645 21.12 -28.06 5.36
CA ARG A 645 20.60 -29.12 4.51
C ARG A 645 20.21 -28.54 3.16
N ILE A 646 20.23 -29.36 2.11
CA ILE A 646 19.53 -28.97 0.90
C ILE A 646 18.03 -29.08 1.18
N THR A 647 17.39 -27.93 1.39
CA THR A 647 16.01 -27.92 1.84
C THR A 647 15.06 -27.47 0.72
N THR A 648 13.84 -28.05 0.75
CA THR A 648 12.70 -27.70 -0.10
C THR A 648 11.47 -27.55 0.79
N ILE A 649 10.78 -26.40 0.67
CA ILE A 649 9.59 -26.14 1.50
C ILE A 649 8.33 -25.99 0.63
N PHE A 650 7.24 -26.64 1.06
CA PHE A 650 6.01 -26.63 0.30
C PHE A 650 4.84 -26.13 1.14
N GLY A 651 3.77 -25.65 0.46
CA GLY A 651 2.56 -25.18 1.14
C GLY A 651 1.59 -26.33 1.28
N PRO A 652 0.43 -26.16 1.94
CA PRO A 652 -0.40 -27.31 2.35
C PRO A 652 -1.19 -28.10 1.30
N THR A 653 -1.23 -27.52 0.08
CA THR A 653 -2.13 -27.90 -1.00
C THR A 653 -1.54 -29.16 -1.61
N CYS A 654 -2.33 -29.93 -2.37
CA CYS A 654 -1.92 -31.15 -3.03
C CYS A 654 -1.02 -30.91 -4.28
N ASP A 655 -0.78 -29.60 -4.65
CA ASP A 655 0.06 -29.21 -5.81
C ASP A 655 1.55 -29.04 -5.47
N SER A 656 2.42 -29.52 -6.37
CA SER A 656 3.88 -29.50 -6.24
C SER A 656 4.44 -28.11 -6.50
N MET A 657 3.73 -27.34 -7.33
CA MET A 657 4.11 -25.95 -7.59
C MET A 657 3.86 -25.02 -6.39
N ASP A 658 3.01 -25.39 -5.42
CA ASP A 658 2.84 -24.71 -4.12
C ASP A 658 4.11 -24.95 -3.31
N CYS A 659 5.21 -24.33 -3.79
CA CYS A 659 6.55 -24.43 -3.24
C CYS A 659 7.19 -23.06 -3.12
N ILE A 660 7.65 -22.70 -1.90
CA ILE A 660 8.21 -21.38 -1.61
C ILE A 660 9.74 -21.44 -1.63
N LEU A 661 10.35 -22.61 -1.34
CA LEU A 661 11.79 -22.78 -1.50
C LEU A 661 12.19 -24.14 -2.13
N LYS A 662 13.04 -24.10 -3.17
CA LYS A 662 13.38 -25.34 -3.86
C LYS A 662 14.88 -25.63 -3.84
N LYS A 663 15.25 -26.64 -3.01
CA LYS A 663 16.57 -27.27 -2.98
C LYS A 663 17.66 -26.25 -2.71
N GLN A 664 17.48 -25.45 -1.64
CA GLN A 664 18.44 -24.41 -1.28
C GLN A 664 18.86 -24.62 0.18
N PRO A 665 20.13 -24.24 0.49
CA PRO A 665 20.67 -24.52 1.83
C PRO A 665 19.78 -23.87 2.89
N PHE A 666 19.71 -24.48 4.07
CA PHE A 666 18.86 -23.99 5.15
C PHE A 666 18.98 -25.01 6.28
N PRO A 667 18.84 -24.57 7.54
CA PRO A 667 18.93 -25.48 8.68
C PRO A 667 17.96 -26.65 8.55
N GLU A 668 18.47 -27.81 8.87
CA GLU A 668 17.59 -28.87 9.26
C GLU A 668 16.57 -28.38 10.29
N MET A 669 15.30 -28.64 9.99
CA MET A 669 14.19 -28.38 10.89
C MET A 669 13.54 -29.70 11.29
N LYS A 670 12.54 -29.62 12.16
CA LYS A 670 11.76 -30.79 12.51
C LYS A 670 10.33 -30.34 12.72
N LEU A 671 9.44 -31.30 12.86
CA LEU A 671 8.03 -31.00 13.00
C LEU A 671 7.69 -30.25 14.31
N GLY A 672 6.75 -29.28 14.27
CA GLY A 672 6.36 -28.46 15.42
C GLY A 672 7.04 -27.06 15.38
N ASP A 673 8.15 -26.98 14.63
CA ASP A 673 8.89 -25.75 14.37
C ASP A 673 7.96 -24.70 13.74
N TRP A 674 8.36 -23.43 13.85
CA TRP A 674 7.66 -22.37 13.16
C TRP A 674 8.60 -21.57 12.27
N LEU A 675 7.99 -21.03 11.19
CA LEU A 675 8.61 -20.06 10.29
C LEU A 675 7.96 -18.69 10.48
N LEU A 676 8.79 -17.65 10.57
CA LEU A 676 8.28 -16.30 10.67
C LEU A 676 8.63 -15.64 9.34
N VAL A 677 7.61 -15.02 8.74
CA VAL A 677 7.85 -14.26 7.53
C VAL A 677 7.43 -12.83 7.80
N PRO A 678 8.38 -11.89 7.99
CA PRO A 678 8.00 -10.49 8.19
C PRO A 678 7.74 -9.78 6.85
N ASP A 679 7.10 -8.62 6.91
CA ASP A 679 6.90 -7.71 5.77
C ASP A 679 5.97 -8.33 4.74
N MET A 680 4.84 -8.80 5.22
CA MET A 680 3.90 -9.52 4.38
C MET A 680 2.55 -8.79 4.30
N GLY A 681 2.57 -7.47 4.44
CA GLY A 681 1.34 -6.71 4.60
C GLY A 681 0.78 -6.25 3.26
N SER A 682 1.60 -6.38 2.17
CA SER A 682 1.22 -5.84 0.87
C SER A 682 1.17 -6.89 -0.22
N TYR A 683 -0.01 -6.99 -0.88
CA TYR A 683 -0.22 -7.73 -2.12
C TYR A 683 -0.05 -9.23 -1.88
N THR A 684 -0.44 -9.63 -0.65
CA THR A 684 -0.45 -11.00 -0.17
C THR A 684 -1.88 -11.48 0.04
N THR A 685 -2.43 -11.22 1.24
CA THR A 685 -3.82 -11.58 1.52
C THR A 685 -4.74 -10.92 0.50
N ALA A 686 -4.34 -9.82 -0.14
CA ALA A 686 -5.29 -9.01 -0.85
C ALA A 686 -5.90 -9.85 -1.93
N ALA A 687 -4.94 -10.54 -2.58
CA ALA A 687 -5.14 -11.24 -3.85
C ALA A 687 -5.30 -12.71 -3.63
N ALA A 688 -4.90 -13.19 -2.42
CA ALA A 688 -4.92 -14.59 -1.99
C ALA A 688 -6.28 -15.24 -2.16
N GLY A 689 -6.24 -16.53 -2.49
CA GLY A 689 -7.38 -17.33 -2.89
C GLY A 689 -7.50 -18.45 -1.91
N PHE A 690 -8.46 -19.36 -2.12
CA PHE A 690 -8.88 -20.25 -1.07
C PHE A 690 -8.83 -21.66 -1.65
N PHE A 691 -7.86 -21.88 -2.54
CA PHE A 691 -7.71 -23.18 -3.17
C PHE A 691 -7.43 -24.26 -2.13
N ASN A 692 -7.93 -25.50 -2.40
CA ASN A 692 -7.88 -26.64 -1.50
C ASN A 692 -8.53 -26.33 -0.16
N GLY A 693 -9.27 -25.20 -0.08
CA GLY A 693 -9.88 -24.71 1.15
C GLY A 693 -8.91 -24.49 2.31
N PHE A 694 -7.74 -23.92 2.05
CA PHE A 694 -6.79 -23.54 3.09
C PHE A 694 -6.64 -22.02 3.03
N ALA A 695 -6.88 -21.37 4.18
CA ALA A 695 -6.64 -19.94 4.37
C ALA A 695 -5.98 -19.73 5.74
N THR A 696 -5.33 -18.57 5.89
CA THR A 696 -4.82 -18.13 7.18
C THR A 696 -5.89 -17.21 7.73
N ARG A 697 -6.43 -17.56 8.93
CA ARG A 697 -7.53 -16.76 9.47
C ARG A 697 -7.13 -16.12 10.80
N ARG A 698 -6.18 -16.65 11.57
CA ARG A 698 -6.05 -16.11 12.91
C ARG A 698 -5.27 -14.81 12.87
N LEU A 699 -5.78 -13.77 13.58
CA LEU A 699 -5.15 -12.45 13.54
C LEU A 699 -4.87 -11.93 14.93
N GLU A 700 -3.60 -11.63 15.21
CA GLU A 700 -3.22 -11.05 16.49
C GLU A 700 -2.88 -9.57 16.29
N TRP A 701 -3.76 -8.66 16.73
CA TRP A 701 -3.42 -7.24 16.67
C TRP A 701 -2.54 -6.65 17.80
N VAL A 702 -1.42 -6.01 17.41
CA VAL A 702 -0.47 -5.39 18.34
C VAL A 702 -0.16 -3.97 17.87
N SER A 703 0.61 -3.22 18.68
CA SER A 703 1.08 -1.89 18.33
C SER A 703 2.52 -1.73 18.85
N SER A 704 3.41 -1.22 18.01
CA SER A 704 4.80 -1.04 18.37
C SER A 704 5.03 0.39 18.90
N VAL A 705 3.93 1.20 18.84
CA VAL A 705 4.01 2.62 19.17
C VAL A 705 3.00 3.01 20.25
N ASP A 706 3.51 3.83 21.18
CA ASP A 706 2.72 4.45 22.24
C ASP A 706 1.70 5.40 21.64
N LEU A 707 0.47 5.33 22.15
CA LEU A 707 -0.53 6.29 21.75
C LEU A 707 -1.65 6.35 22.80
N CYS A 708 -2.29 5.17 22.96
CA CYS A 708 -3.54 4.94 23.71
C CYS A 708 -3.30 4.11 24.97
N ALA A 709 -3.10 4.79 26.11
CA ALA A 709 -2.64 4.20 27.36
C ALA A 709 -3.64 3.14 27.86
#